data_9BIX
#
_entry.id   9BIX
#
_cell.length_a   1.00
_cell.length_b   1.00
_cell.length_c   1.00
_cell.angle_alpha   90.00
_cell.angle_beta   90.00
_cell.angle_gamma   90.00
#
_symmetry.space_group_name_H-M   'P 1'
#
_entity_poly.entity_id   1
_entity_poly.type   'polypeptide(L)'
_entity_poly.pdbx_seq_one_letter_code
;MHHHHHHTTSVDPTSGPQASGTEQNRSSLDTAAARKLATTTKTVPQMQGISSRWLLRVLPWTQVNGGTYRVNRRLTHTLG
DGQVEFVNTGAEVRVIPEELRELAPLRGFTDTPTLEALAGRFAQHEFAPGDVLAQQDQPADRIILIAHGKLDRLGTGKYG
GETVQGQLAGGDHLGAAALLDGGAAWEHTVRAVTRVTALTLSRGDYEQVLGGSESLRAHVEAFRAALVPAQNKHGEAAIE
VAAGHVGEPSLPGTFADYDLAPREYELSVAQTVLKIHSRVADLYNDPMNQMDQQLRLTVEALRERQEHEMINNREFGLLH
NADLKQRIHTRSGPPTPDDLDELISRRRKTQVLLAHPRTIAAIGREWNARGIYPTGAELHGTDVRAWRGIPLLPCNKIPV
TPEQTSSIIAMRLGEENQGVVGLHQTGIPDEYQPGLSVRFMGINDQAVIQYLVSAYYSAAVLVPDALGILEDVEIGH
;
_entity_poly.pdbx_strand_id   A
#
# COMPACT_ATOMS: atom_id res chain seq x y z
N ILE A 50 -8.65 11.63 0.36
CA ILE A 50 -8.53 10.80 -0.83
C ILE A 50 -7.17 10.99 -1.48
N SER A 51 -6.50 9.89 -1.80
CA SER A 51 -5.19 9.93 -2.44
C SER A 51 -5.12 8.83 -3.49
N SER A 52 -4.04 8.84 -4.25
CA SER A 52 -3.78 7.80 -5.24
C SER A 52 -3.13 6.62 -4.54
N ARG A 53 -3.90 5.53 -4.39
CA ARG A 53 -3.41 4.34 -3.68
C ARG A 53 -2.61 3.49 -4.66
N TRP A 54 -1.36 3.90 -4.88
CA TRP A 54 -0.50 3.21 -5.83
C TRP A 54 -0.16 1.80 -5.38
N LEU A 55 0.03 1.61 -4.08
CA LEU A 55 0.43 0.29 -3.58
C LEU A 55 -0.62 -0.76 -3.88
N LEU A 56 -1.90 -0.42 -3.73
CA LEU A 56 -2.96 -1.37 -4.06
C LEU A 56 -3.05 -1.61 -5.55
N ARG A 57 -2.71 -0.61 -6.37
CA ARG A 57 -2.83 -0.74 -7.82
C ARG A 57 -1.71 -1.61 -8.40
N VAL A 58 -0.49 -1.50 -7.86
CA VAL A 58 0.64 -2.18 -8.47
C VAL A 58 0.87 -3.57 -7.90
N LEU A 59 0.43 -3.83 -6.67
CA LEU A 59 0.64 -5.13 -6.06
C LEU A 59 -0.24 -6.18 -6.72
N PRO A 60 0.31 -7.30 -7.17
CA PRO A 60 -0.53 -8.45 -7.55
C PRO A 60 -1.14 -9.11 -6.33
N TRP A 61 -2.30 -9.73 -6.54
CA TRP A 61 -3.09 -10.31 -5.46
C TRP A 61 -3.19 -11.81 -5.64
N THR A 62 -2.88 -12.55 -4.58
CA THR A 62 -2.88 -14.01 -4.60
C THR A 62 -4.08 -14.52 -3.81
N GLN A 63 -4.84 -15.44 -4.41
CA GLN A 63 -5.99 -16.02 -3.74
C GLN A 63 -5.54 -16.89 -2.57
N VAL A 64 -6.24 -16.76 -1.44
CA VAL A 64 -5.92 -17.47 -0.21
C VAL A 64 -7.14 -18.28 0.21
N ASN A 65 -6.91 -19.53 0.58
CA ASN A 65 -7.97 -20.42 1.02
C ASN A 65 -7.88 -20.60 2.53
N GLY A 66 -9.02 -20.40 3.21
CA GLY A 66 -9.06 -20.54 4.65
C GLY A 66 -8.55 -19.36 5.44
N GLY A 67 -8.15 -18.28 4.77
CA GLY A 67 -7.66 -17.12 5.48
C GLY A 67 -6.26 -17.25 6.01
N THR A 68 -5.50 -18.24 5.55
CA THR A 68 -4.13 -18.45 6.03
C THR A 68 -3.23 -18.79 4.84
N TYR A 69 -1.97 -18.37 4.95
CA TYR A 69 -0.98 -18.54 3.89
C TYR A 69 0.34 -18.95 4.51
N ARG A 70 1.04 -19.89 3.87
CA ARG A 70 2.29 -20.44 4.37
C ARG A 70 3.42 -20.10 3.41
N VAL A 71 4.54 -19.62 3.97
CA VAL A 71 5.73 -19.30 3.20
C VAL A 71 6.92 -20.00 3.86
N ASN A 72 7.66 -20.77 3.06
CA ASN A 72 8.83 -21.50 3.57
C ASN A 72 9.99 -20.54 3.78
N ARG A 73 10.62 -20.62 4.95
CA ARG A 73 11.76 -19.79 5.31
C ARG A 73 13.02 -20.65 5.38
N ARG A 74 14.06 -20.22 4.68
CA ARG A 74 15.37 -20.88 4.72
C ARG A 74 16.40 -19.82 5.08
N LEU A 75 16.81 -19.78 6.34
CA LEU A 75 17.76 -18.77 6.81
C LEU A 75 19.13 -18.98 6.18
N LEU A 260 13.70 -21.85 9.05
CA LEU A 260 13.22 -22.88 9.97
C LEU A 260 11.77 -23.23 9.66
N ALA A 261 10.91 -23.08 10.65
CA ALA A 261 9.50 -23.36 10.47
C ALA A 261 8.89 -22.35 9.49
N PRO A 262 7.99 -22.80 8.61
CA PRO A 262 7.35 -21.86 7.68
C PRO A 262 6.56 -20.79 8.43
N ARG A 263 6.60 -19.58 7.89
CA ARG A 263 5.84 -18.48 8.46
C ARG A 263 4.41 -18.51 7.93
N GLU A 264 3.45 -18.34 8.84
CA GLU A 264 2.04 -18.36 8.49
C GLU A 264 1.48 -16.95 8.53
N TYR A 265 0.77 -16.57 7.47
CA TYR A 265 0.13 -15.27 7.36
C TYR A 265 -1.38 -15.45 7.49
N GLU A 266 -1.98 -14.72 8.44
CA GLU A 266 -3.42 -14.73 8.64
C GLU A 266 -3.99 -13.41 8.14
N LEU A 267 -5.08 -13.48 7.39
CA LEU A 267 -5.69 -12.28 6.84
C LEU A 267 -6.16 -11.37 7.96
N SER A 268 -5.91 -10.07 7.80
CA SER A 268 -6.42 -9.05 8.70
C SER A 268 -7.69 -8.45 8.13
N VAL A 269 -8.42 -7.73 8.98
CA VAL A 269 -9.73 -7.20 8.61
C VAL A 269 -9.77 -5.70 8.88
N ALA A 270 -10.47 -4.98 8.00
CA ALA A 270 -10.81 -3.57 8.21
C ALA A 270 -12.33 -3.49 8.25
N GLN A 271 -12.89 -3.26 9.43
CA GLN A 271 -14.33 -3.28 9.64
C GLN A 271 -14.83 -1.91 10.08
N THR A 272 -16.01 -1.55 9.60
CA THR A 272 -16.70 -0.34 10.02
C THR A 272 -18.20 -0.60 10.07
N VAL A 273 -18.90 0.19 10.88
CA VAL A 273 -20.35 0.09 11.01
C VAL A 273 -20.96 1.29 10.31
N LEU A 274 -21.79 1.03 9.30
CA LEU A 274 -22.46 2.08 8.53
C LEU A 274 -23.85 2.31 9.13
N LYS A 275 -24.07 3.48 9.72
CA LYS A 275 -25.32 3.81 10.39
C LYS A 275 -26.11 4.78 9.52
N ILE A 276 -27.34 4.39 9.19
CA ILE A 276 -28.24 5.20 8.38
C ILE A 276 -29.58 5.30 9.10
N HIS A 277 -30.10 6.51 9.22
CA HIS A 277 -31.43 6.69 9.80
C HIS A 277 -32.50 6.23 8.80
N SER A 278 -33.59 5.69 9.35
CA SER A 278 -34.62 5.10 8.49
C SER A 278 -35.32 6.13 7.63
N ARG A 279 -35.42 7.38 8.09
CA ARG A 279 -36.04 8.43 7.28
C ARG A 279 -35.24 8.67 6.00
N VAL A 280 -33.91 8.69 6.10
CA VAL A 280 -33.07 8.92 4.93
C VAL A 280 -33.26 7.79 3.92
N ALA A 281 -33.30 6.54 4.39
CA ALA A 281 -33.44 5.42 3.48
C ALA A 281 -34.80 5.40 2.80
N ASP A 282 -35.81 6.02 3.41
CA ASP A 282 -37.16 5.98 2.86
C ASP A 282 -37.42 7.09 1.86
N LEU A 283 -37.04 8.32 2.20
CA LEU A 283 -37.52 9.49 1.48
C LEU A 283 -36.49 10.13 0.54
N TYR A 284 -35.19 10.01 0.83
CA TYR A 284 -34.17 10.75 0.12
C TYR A 284 -33.53 9.95 -1.01
N ASN A 285 -34.31 9.08 -1.66
CA ASN A 285 -33.79 8.23 -2.73
C ASN A 285 -34.14 8.74 -4.11
N ASP A 286 -34.83 9.88 -4.23
CA ASP A 286 -35.28 10.33 -5.55
C ASP A 286 -34.13 10.91 -6.38
N PRO A 287 -33.41 11.95 -5.93
CA PRO A 287 -32.33 12.46 -6.78
C PRO A 287 -31.16 11.49 -6.87
N MET A 288 -30.77 10.89 -5.75
CA MET A 288 -29.73 9.86 -5.73
C MET A 288 -29.95 8.98 -4.50
N ASN A 289 -29.72 7.69 -4.66
CA ASN A 289 -29.89 6.74 -3.56
C ASN A 289 -28.80 6.99 -2.53
N GLN A 290 -29.15 7.70 -1.45
CA GLN A 290 -28.17 8.06 -0.44
C GLN A 290 -27.65 6.86 0.34
N MET A 291 -28.38 5.75 0.34
CA MET A 291 -27.87 4.53 0.96
C MET A 291 -26.64 4.04 0.20
N ASP A 292 -26.69 4.08 -1.13
CA ASP A 292 -25.54 3.67 -1.92
C ASP A 292 -24.43 4.72 -1.89
N GLN A 293 -24.78 6.00 -1.79
CA GLN A 293 -23.77 7.05 -1.70
C GLN A 293 -22.94 6.90 -0.43
N GLN A 294 -23.60 6.63 0.71
CA GLN A 294 -22.87 6.43 1.95
C GLN A 294 -22.04 5.15 1.90
N LEU A 295 -22.52 4.14 1.18
CA LEU A 295 -21.78 2.89 1.06
C LEU A 295 -20.46 3.11 0.32
N ARG A 296 -20.50 3.86 -0.78
CA ARG A 296 -19.27 4.13 -1.52
C ARG A 296 -18.32 5.01 -0.72
N LEU A 297 -18.85 5.96 0.06
CA LEU A 297 -17.99 6.79 0.89
C LEU A 297 -17.26 5.95 1.94
N THR A 298 -17.95 4.98 2.54
CA THR A 298 -17.30 4.16 3.55
C THR A 298 -16.30 3.19 2.93
N VAL A 299 -16.60 2.68 1.73
CA VAL A 299 -15.66 1.78 1.06
C VAL A 299 -14.36 2.49 0.74
N GLU A 300 -14.44 3.74 0.29
CA GLU A 300 -13.23 4.51 0.01
C GLU A 300 -12.40 4.72 1.28
N ALA A 301 -13.08 4.96 2.41
CA ALA A 301 -12.36 5.12 3.67
C ALA A 301 -11.65 3.82 4.06
N LEU A 302 -12.28 2.67 3.82
CA LEU A 302 -11.65 1.40 4.12
C LEU A 302 -10.41 1.18 3.24
N ARG A 303 -10.49 1.54 1.97
CA ARG A 303 -9.34 1.38 1.08
C ARG A 303 -8.16 2.23 1.54
N GLU A 304 -8.43 3.44 2.02
CA GLU A 304 -7.37 4.28 2.56
C GLU A 304 -6.73 3.65 3.78
N ARG A 305 -7.53 2.97 4.61
CA ARG A 305 -6.97 2.33 5.80
C ARG A 305 -6.13 1.11 5.42
N GLN A 306 -6.56 0.37 4.39
CA GLN A 306 -5.76 -0.77 3.94
C GLN A 306 -4.40 -0.31 3.43
N GLU A 307 -4.38 0.79 2.67
CA GLU A 307 -3.12 1.34 2.19
C GLU A 307 -2.21 1.73 3.35
N HIS A 308 -2.79 2.34 4.39
CA HIS A 308 -2.00 2.74 5.54
C HIS A 308 -1.44 1.54 6.29
N GLU A 309 -2.22 0.46 6.41
CA GLU A 309 -1.77 -0.68 7.20
C GLU A 309 -0.70 -1.48 6.48
N MET A 310 -0.81 -1.61 5.15
CA MET A 310 0.18 -2.40 4.41
C MET A 310 1.56 -1.77 4.42
N ILE A 311 1.68 -0.52 4.88
CA ILE A 311 2.97 0.14 4.99
C ILE A 311 3.42 0.23 6.45
N ASN A 312 2.52 0.57 7.37
CA ASN A 312 2.89 0.95 8.72
C ASN A 312 2.57 -0.11 9.78
N ASN A 313 1.93 -1.21 9.41
CA ASN A 313 1.61 -2.23 10.40
C ASN A 313 2.88 -2.92 10.87
N ARG A 314 2.98 -3.14 12.18
CA ARG A 314 4.19 -3.77 12.74
C ARG A 314 4.23 -5.28 12.59
N GLU A 315 3.13 -5.88 12.21
CA GLU A 315 3.15 -7.32 11.99
C GLU A 315 3.50 -7.68 10.55
N PHE A 316 2.81 -7.06 9.58
CA PHE A 316 3.02 -7.40 8.18
C PHE A 316 3.30 -6.18 7.30
N GLY A 317 3.55 -5.00 7.88
CA GLY A 317 3.83 -3.84 7.07
C GLY A 317 5.18 -3.93 6.38
N LEU A 318 5.27 -3.27 5.23
CA LEU A 318 6.49 -3.34 4.43
C LEU A 318 7.65 -2.57 5.05
N LEU A 319 7.37 -1.56 5.88
CA LEU A 319 8.43 -0.82 6.54
C LEU A 319 9.03 -1.55 7.73
N HIS A 320 8.46 -2.69 8.11
CA HIS A 320 8.96 -3.46 9.24
C HIS A 320 9.31 -4.90 8.89
N ASN A 321 9.10 -5.32 7.65
CA ASN A 321 9.39 -6.68 7.21
C ASN A 321 10.57 -6.73 6.24
N ALA A 322 11.51 -5.81 6.37
CA ALA A 322 12.70 -5.78 5.53
C ALA A 322 13.87 -6.38 6.30
N ASP A 323 14.64 -7.23 5.60
CA ASP A 323 15.81 -7.84 6.20
C ASP A 323 16.84 -6.77 6.56
N LEU A 324 17.58 -7.02 7.64
CA LEU A 324 18.58 -6.05 8.09
C LEU A 324 19.67 -5.83 7.05
N LYS A 325 19.96 -6.84 6.24
CA LYS A 325 20.93 -6.66 5.15
C LYS A 325 20.37 -5.79 4.05
N GLN A 326 19.05 -5.69 3.94
CA GLN A 326 18.40 -4.92 2.89
C GLN A 326 18.11 -3.48 3.28
N ARG A 327 18.51 -3.05 4.47
CA ARG A 327 18.35 -1.68 4.91
C ARG A 327 19.68 -0.96 4.78
N ILE A 328 19.70 0.15 4.05
CA ILE A 328 20.93 0.90 3.82
C ILE A 328 20.69 2.37 4.16
N HIS A 329 21.79 3.08 4.42
CA HIS A 329 21.76 4.49 4.74
C HIS A 329 22.49 5.28 3.65
N THR A 330 22.09 6.53 3.50
CA THR A 330 22.70 7.41 2.51
C THR A 330 24.08 7.86 2.97
N ARG A 331 24.92 8.22 2.00
CA ARG A 331 26.25 8.74 2.32
C ARG A 331 26.14 10.06 3.09
N SER A 332 25.23 10.93 2.66
CA SER A 332 24.98 12.21 3.31
C SER A 332 23.47 12.38 3.49
N GLY A 333 23.08 13.57 3.93
CA GLY A 333 21.69 13.87 4.18
C GLY A 333 20.77 13.67 2.99
N PRO A 334 20.87 14.52 1.98
CA PRO A 334 19.89 14.52 0.90
C PRO A 334 20.00 13.26 0.06
N PRO A 335 18.86 12.80 -0.51
CA PRO A 335 18.88 11.63 -1.38
C PRO A 335 19.51 11.90 -2.73
N THR A 336 20.75 11.50 -2.91
CA THR A 336 21.51 11.79 -4.10
C THR A 336 21.39 10.71 -5.14
N PRO A 337 21.68 11.05 -6.40
CA PRO A 337 21.66 10.05 -7.47
C PRO A 337 22.60 8.85 -7.20
N ASP A 338 23.69 8.99 -6.46
CA ASP A 338 24.53 7.87 -6.05
C ASP A 338 23.78 6.94 -5.10
N ASP A 339 23.01 7.49 -4.18
CA ASP A 339 22.23 6.67 -3.25
C ASP A 339 21.18 5.85 -3.97
N LEU A 340 20.55 6.42 -4.99
CA LEU A 340 19.54 5.68 -5.75
C LEU A 340 20.17 4.50 -6.50
N ASP A 341 21.38 4.69 -7.02
CA ASP A 341 22.06 3.60 -7.73
C ASP A 341 22.44 2.46 -6.79
N GLU A 342 22.81 2.79 -5.55
CA GLU A 342 23.13 1.74 -4.59
C GLU A 342 21.88 0.96 -4.19
N LEU A 343 20.74 1.65 -4.08
CA LEU A 343 19.50 0.97 -3.67
C LEU A 343 19.06 -0.06 -4.68
N ILE A 344 19.18 0.24 -5.98
CA ILE A 344 18.69 -0.66 -7.01
C ILE A 344 19.72 -1.70 -7.43
N SER A 345 20.91 -1.69 -6.83
CA SER A 345 21.92 -2.70 -7.11
C SER A 345 21.90 -3.85 -6.12
N ARG A 346 21.04 -3.81 -5.12
CA ARG A 346 21.01 -4.83 -4.07
C ARG A 346 20.11 -6.01 -4.40
N ARG A 347 19.41 -5.98 -5.53
CA ARG A 347 18.53 -7.07 -5.90
C ARG A 347 18.38 -7.10 -7.41
N ARG A 348 17.90 -8.22 -7.92
CA ARG A 348 17.66 -8.39 -9.35
C ARG A 348 16.22 -7.99 -9.67
N LYS A 349 16.07 -7.27 -10.79
CA LYS A 349 14.76 -6.89 -11.33
C LYS A 349 13.93 -6.09 -10.32
N THR A 350 14.45 -4.91 -9.97
CA THR A 350 13.65 -3.95 -9.23
C THR A 350 12.60 -3.35 -10.16
N GLN A 351 11.36 -3.26 -9.66
CA GLN A 351 10.23 -2.92 -10.52
C GLN A 351 9.50 -1.63 -10.14
N VAL A 352 9.66 -1.12 -8.92
CA VAL A 352 8.93 0.07 -8.51
C VAL A 352 9.66 0.72 -7.34
N LEU A 353 9.55 2.04 -7.26
CA LEU A 353 10.06 2.82 -6.14
C LEU A 353 8.91 3.61 -5.53
N LEU A 354 8.87 3.65 -4.19
CA LEU A 354 7.83 4.36 -3.47
C LEU A 354 8.46 5.36 -2.51
N ALA A 355 7.96 6.58 -2.52
CA ALA A 355 8.47 7.62 -1.63
C ALA A 355 7.37 8.64 -1.36
N HIS A 356 7.55 9.40 -0.29
CA HIS A 356 6.64 10.48 0.03
C HIS A 356 6.76 11.59 -1.01
N PRO A 357 5.67 12.29 -1.31
CA PRO A 357 5.76 13.39 -2.30
C PRO A 357 6.80 14.45 -1.94
N ARG A 358 7.00 14.74 -0.66
CA ARG A 358 8.06 15.66 -0.26
C ARG A 358 9.44 15.08 -0.53
N THR A 359 9.59 13.76 -0.39
CA THR A 359 10.86 13.12 -0.71
C THR A 359 11.15 13.19 -2.21
N ILE A 360 10.12 13.02 -3.04
CA ILE A 360 10.30 13.09 -4.48
C ILE A 360 10.77 14.49 -4.89
N ALA A 361 10.26 15.52 -4.21
CA ALA A 361 10.73 16.88 -4.49
C ALA A 361 12.20 17.05 -4.12
N ALA A 362 12.65 16.42 -3.04
CA ALA A 362 14.06 16.51 -2.65
C ALA A 362 14.95 15.76 -3.63
N ILE A 363 14.46 14.65 -4.19
CA ILE A 363 15.23 13.93 -5.20
C ILE A 363 15.41 14.78 -6.44
N GLY A 364 14.35 15.49 -6.86
CA GLY A 364 14.45 16.33 -8.03
C GLY A 364 15.43 17.47 -7.89
N ARG A 365 15.55 18.03 -6.68
CA ARG A 365 16.51 19.11 -6.47
C ARG A 365 17.95 18.62 -6.66
N GLU A 366 18.23 17.39 -6.25
CA GLU A 366 19.57 16.84 -6.45
C GLU A 366 19.85 16.61 -7.94
N TRP A 367 18.82 16.23 -8.70
CA TRP A 367 18.98 16.07 -10.14
C TRP A 367 19.34 17.39 -10.80
N ASN A 368 18.68 18.48 -10.40
CA ASN A 368 18.90 19.78 -11.03
C ASN A 368 20.30 20.31 -10.73
N ALA A 369 20.82 20.04 -9.53
CA ALA A 369 22.15 20.54 -9.18
C ALA A 369 23.24 19.88 -10.01
N ARG A 370 23.00 18.67 -10.50
CA ARG A 370 23.96 17.93 -11.31
C ARG A 370 23.67 18.00 -12.80
N GLY A 371 22.62 18.70 -13.21
CA GLY A 371 22.32 18.87 -14.62
C GLY A 371 21.91 17.62 -15.35
N ILE A 372 21.10 16.77 -14.74
CA ILE A 372 20.60 15.56 -15.38
C ILE A 372 19.08 15.62 -15.41
N TYR A 373 18.50 15.17 -16.52
CA TYR A 373 17.04 15.17 -16.69
C TYR A 373 16.57 13.76 -17.03
N PRO A 374 16.13 12.99 -16.03
CA PRO A 374 15.65 11.64 -16.32
C PRO A 374 14.40 11.65 -17.19
N THR A 375 14.24 10.56 -17.95
CA THR A 375 13.25 10.54 -19.02
C THR A 375 11.83 10.33 -18.50
N GLY A 376 11.57 9.21 -17.83
CA GLY A 376 10.23 8.86 -17.41
C GLY A 376 9.77 7.54 -18.04
N ALA A 377 8.66 7.04 -17.51
CA ALA A 377 8.16 5.72 -17.89
C ALA A 377 6.65 5.75 -17.99
N GLU A 378 6.08 4.60 -18.37
CA GLU A 378 4.64 4.42 -18.47
C GLU A 378 4.25 3.21 -17.64
N LEU A 379 3.19 3.36 -16.83
CA LEU A 379 2.76 2.30 -15.93
C LEU A 379 1.24 2.26 -15.90
N HIS A 380 0.68 1.11 -16.31
CA HIS A 380 -0.76 0.86 -16.25
C HIS A 380 -1.56 1.94 -16.98
N GLY A 381 -1.00 2.40 -18.11
CA GLY A 381 -1.64 3.43 -18.90
C GLY A 381 -1.37 4.85 -18.44
N THR A 382 -0.58 5.03 -17.38
CA THR A 382 -0.26 6.34 -16.86
C THR A 382 1.23 6.62 -17.08
N ASP A 383 1.56 7.90 -17.25
CA ASP A 383 2.93 8.35 -17.39
C ASP A 383 3.43 8.87 -16.05
N VAL A 384 4.52 8.30 -15.56
CA VAL A 384 5.06 8.61 -14.24
C VAL A 384 6.55 8.88 -14.37
N ARG A 385 7.12 9.46 -13.31
CA ARG A 385 8.55 9.69 -13.25
C ARG A 385 9.30 8.38 -13.01
N ALA A 386 10.57 8.37 -13.42
CA ALA A 386 11.36 7.15 -13.36
C ALA A 386 12.82 7.47 -13.13
N TRP A 387 13.55 6.48 -12.64
CA TRP A 387 14.99 6.55 -12.49
C TRP A 387 15.58 5.26 -13.04
N ARG A 388 16.41 5.38 -14.08
CA ARG A 388 16.97 4.22 -14.79
C ARG A 388 15.85 3.29 -15.29
N GLY A 389 14.75 3.89 -15.71
CA GLY A 389 13.62 3.13 -16.22
C GLY A 389 12.71 2.53 -15.18
N ILE A 390 12.98 2.76 -13.90
CA ILE A 390 12.17 2.21 -12.81
C ILE A 390 11.19 3.27 -12.35
N PRO A 391 9.89 3.06 -12.48
CA PRO A 391 8.92 4.10 -12.11
C PRO A 391 8.99 4.46 -10.63
N LEU A 392 8.85 5.75 -10.36
CA LEU A 392 8.87 6.29 -9.00
C LEU A 392 7.49 6.86 -8.69
N LEU A 393 6.84 6.31 -7.66
CA LEU A 393 5.45 6.62 -7.39
C LEU A 393 5.29 7.30 -6.03
N PRO A 394 4.47 8.33 -5.94
CA PRO A 394 4.26 9.00 -4.64
C PRO A 394 3.33 8.21 -3.73
N CYS A 395 3.54 8.37 -2.43
CA CYS A 395 2.71 7.72 -1.42
C CYS A 395 2.79 8.55 -0.15
N ASN A 396 1.65 9.12 0.25
CA ASN A 396 1.62 9.95 1.45
C ASN A 396 1.48 9.15 2.73
N LYS A 397 1.28 7.83 2.64
CA LYS A 397 1.18 7.01 3.85
C LYS A 397 2.54 6.80 4.51
N ILE A 398 3.64 6.99 3.78
CA ILE A 398 4.98 6.85 4.35
C ILE A 398 5.22 7.99 5.33
N PRO A 399 5.56 7.69 6.59
CA PRO A 399 5.68 8.77 7.58
C PRO A 399 6.88 9.66 7.36
N VAL A 400 6.76 10.90 7.82
CA VAL A 400 7.85 11.87 7.82
C VAL A 400 8.12 12.25 9.27
N THR A 401 9.35 12.07 9.71
CA THR A 401 9.70 12.32 11.10
C THR A 401 9.74 13.82 11.39
N PRO A 402 9.60 14.21 12.65
CA PRO A 402 9.70 15.64 13.00
C PRO A 402 11.01 16.28 12.61
N GLU A 403 12.10 15.51 12.56
CA GLU A 403 13.39 16.02 12.13
C GLU A 403 13.56 16.01 10.62
N GLN A 404 12.46 15.94 9.86
CA GLN A 404 12.46 16.05 8.41
C GLN A 404 13.25 14.92 7.75
N THR A 405 12.88 13.68 8.08
CA THR A 405 13.46 12.49 7.47
C THR A 405 12.36 11.53 7.06
N SER A 406 12.61 10.80 5.98
CA SER A 406 11.64 9.84 5.46
C SER A 406 12.40 8.66 4.86
N SER A 407 11.68 7.78 4.17
CA SER A 407 12.26 6.56 3.65
C SER A 407 11.82 6.34 2.19
N ILE A 408 12.62 5.57 1.47
CA ILE A 408 12.34 5.19 0.09
C ILE A 408 12.32 3.67 0.00
N ILE A 409 11.34 3.13 -0.70
CA ILE A 409 11.09 1.70 -0.76
C ILE A 409 11.28 1.21 -2.18
N ALA A 410 12.08 0.16 -2.34
CA ALA A 410 12.27 -0.53 -3.62
C ALA A 410 11.91 -2.00 -3.45
N MET A 411 11.18 -2.54 -4.42
CA MET A 411 10.72 -3.92 -4.28
C MET A 411 10.55 -4.59 -5.64
N ARG A 412 10.63 -5.91 -5.63
CA ARG A 412 10.27 -6.76 -6.76
C ARG A 412 8.89 -7.32 -6.53
N LEU A 413 8.15 -7.54 -7.62
CA LEU A 413 6.75 -7.91 -7.55
C LEU A 413 6.49 -9.23 -8.26
N GLY A 414 5.46 -9.92 -7.79
CA GLY A 414 4.97 -11.13 -8.45
C GLY A 414 5.40 -12.39 -7.72
N GLU A 415 4.54 -13.41 -7.82
CA GLU A 415 4.88 -14.72 -7.27
C GLU A 415 5.88 -15.46 -8.15
N GLU A 416 5.73 -15.37 -9.47
CA GLU A 416 6.66 -16.00 -10.39
C GLU A 416 8.05 -15.38 -10.32
N ASN A 417 8.15 -14.11 -9.92
CA ASN A 417 9.43 -13.46 -9.71
C ASN A 417 9.92 -13.57 -8.27
N GLN A 418 9.16 -14.26 -7.41
CA GLN A 418 9.48 -14.37 -5.99
C GLN A 418 9.60 -13.00 -5.34
N GLY A 419 8.64 -12.13 -5.63
CA GLY A 419 8.61 -10.79 -5.11
C GLY A 419 7.59 -10.61 -3.99
N VAL A 420 7.14 -9.38 -3.82
CA VAL A 420 6.11 -9.06 -2.85
C VAL A 420 4.75 -9.29 -3.48
N VAL A 421 3.82 -9.86 -2.71
CA VAL A 421 2.47 -10.14 -3.18
C VAL A 421 1.47 -9.62 -2.17
N GLY A 422 0.24 -9.40 -2.64
CA GLY A 422 -0.88 -9.06 -1.78
C GLY A 422 -1.75 -10.28 -1.56
N LEU A 423 -2.27 -10.41 -0.34
CA LEU A 423 -3.07 -11.56 0.06
C LEU A 423 -4.51 -11.14 0.27
N HIS A 424 -5.43 -11.83 -0.38
CA HIS A 424 -6.86 -11.59 -0.19
C HIS A 424 -7.61 -12.88 -0.52
N GLN A 425 -8.88 -12.92 -0.13
CA GLN A 425 -9.75 -14.06 -0.40
C GLN A 425 -11.04 -13.55 -1.01
N THR A 426 -11.28 -13.88 -2.27
CA THR A 426 -12.52 -13.55 -2.94
C THR A 426 -13.49 -14.71 -2.87
N GLY A 427 -14.72 -14.47 -3.32
CA GLY A 427 -15.75 -15.48 -3.26
C GLY A 427 -16.46 -15.61 -1.93
N ILE A 428 -16.30 -14.65 -1.03
CA ILE A 428 -16.98 -14.68 0.26
C ILE A 428 -18.48 -14.49 0.00
N PRO A 429 -19.37 -14.96 0.90
CA PRO A 429 -20.79 -15.07 0.56
C PRO A 429 -21.45 -13.83 -0.01
N ASP A 430 -21.41 -12.71 0.72
CA ASP A 430 -22.09 -11.48 0.31
C ASP A 430 -21.03 -10.50 -0.18
N GLU A 431 -20.71 -10.55 -1.47
CA GLU A 431 -19.64 -9.75 -2.04
C GLU A 431 -20.24 -8.50 -2.69
N TYR A 432 -20.07 -7.35 -2.04
CA TYR A 432 -20.33 -6.09 -2.71
C TYR A 432 -19.23 -5.79 -3.71
N GLN A 433 -17.98 -6.00 -3.31
CA GLN A 433 -16.80 -5.95 -4.15
C GLN A 433 -15.94 -7.17 -3.83
N PRO A 434 -15.09 -7.60 -4.76
CA PRO A 434 -14.24 -8.77 -4.48
C PRO A 434 -13.42 -8.60 -3.22
N GLY A 435 -13.64 -9.50 -2.27
CA GLY A 435 -12.98 -9.44 -0.98
C GLY A 435 -13.62 -8.51 0.03
N LEU A 436 -14.76 -7.92 -0.29
CA LEU A 436 -15.45 -7.00 0.60
C LEU A 436 -16.90 -7.44 0.78
N SER A 437 -17.39 -7.37 2.01
CA SER A 437 -18.71 -7.89 2.34
C SER A 437 -19.52 -6.86 3.11
N VAL A 438 -20.84 -6.90 2.90
CA VAL A 438 -21.78 -6.04 3.61
C VAL A 438 -22.90 -6.92 4.15
N ARG A 439 -23.26 -6.72 5.42
CA ARG A 439 -24.29 -7.51 6.09
C ARG A 439 -25.30 -6.60 6.77
N PHE A 440 -26.54 -7.09 6.85
CA PHE A 440 -27.66 -6.24 7.26
C PHE A 440 -27.60 -5.86 8.73
N MET A 441 -27.08 -6.75 9.58
CA MET A 441 -26.85 -6.44 11.00
C MET A 441 -28.15 -6.26 11.79
N GLY A 442 -28.88 -5.16 11.56
CA GLY A 442 -30.16 -4.97 12.21
C GLY A 442 -30.48 -3.50 12.42
N ILE A 443 -31.58 -3.27 13.14
CA ILE A 443 -32.10 -1.94 13.43
C ILE A 443 -32.28 -1.82 14.94
N ASN A 444 -31.82 -0.71 15.52
CA ASN A 444 -31.85 -0.52 16.95
C ASN A 444 -33.14 0.19 17.38
N ASP A 445 -33.18 0.63 18.64
CA ASP A 445 -34.40 1.24 19.19
C ASP A 445 -34.79 2.49 18.40
N GLN A 446 -33.83 3.37 18.17
CA GLN A 446 -34.05 4.47 17.23
C GLN A 446 -34.08 3.91 15.81
N ALA A 447 -34.76 4.63 14.91
CA ALA A 447 -34.92 4.15 13.54
C ALA A 447 -33.62 4.35 12.75
N VAL A 448 -32.58 3.67 13.21
CA VAL A 448 -31.25 3.75 12.61
C VAL A 448 -30.89 2.36 12.11
N ILE A 449 -30.60 2.25 10.81
CA ILE A 449 -30.21 1.00 10.20
C ILE A 449 -28.69 0.90 10.23
N GLN A 450 -28.18 -0.24 10.68
CA GLN A 450 -26.74 -0.46 10.83
C GLN A 450 -26.29 -1.54 9.85
N TYR A 451 -25.12 -1.32 9.24
CA TYR A 451 -24.53 -2.29 8.33
C TYR A 451 -23.10 -2.58 8.76
N LEU A 452 -22.64 -3.79 8.48
CA LEU A 452 -21.28 -4.22 8.76
C LEU A 452 -20.54 -4.39 7.44
N VAL A 453 -19.42 -3.68 7.30
CA VAL A 453 -18.62 -3.71 6.08
C VAL A 453 -17.24 -4.24 6.44
N SER A 454 -16.81 -5.30 5.76
CA SER A 454 -15.58 -6.00 6.10
C SER A 454 -14.74 -6.25 4.86
N ALA A 455 -13.44 -6.05 4.99
CA ALA A 455 -12.47 -6.34 3.94
C ALA A 455 -11.30 -7.08 4.54
N TYR A 456 -10.88 -8.16 3.89
CA TYR A 456 -9.82 -9.03 4.38
C TYR A 456 -8.60 -8.93 3.46
N TYR A 457 -7.42 -8.74 4.06
CA TYR A 457 -6.23 -8.44 3.29
C TYR A 457 -5.00 -8.79 4.11
N SER A 458 -3.88 -8.96 3.42
CA SER A 458 -2.56 -9.13 4.04
C SER A 458 -1.51 -9.00 2.95
N ALA A 459 -0.25 -8.93 3.37
CA ALA A 459 0.88 -8.84 2.46
C ALA A 459 2.00 -9.75 2.92
N ALA A 460 2.73 -10.31 1.96
CA ALA A 460 3.82 -11.22 2.24
C ALA A 460 5.00 -10.97 1.33
N VAL A 461 6.21 -11.11 1.87
CA VAL A 461 7.44 -11.03 1.10
C VAL A 461 8.00 -12.44 0.97
N LEU A 462 8.08 -12.94 -0.27
CA LEU A 462 8.41 -14.34 -0.48
C LEU A 462 9.87 -14.64 -0.14
N VAL A 463 10.79 -13.80 -0.62
CA VAL A 463 12.21 -14.00 -0.32
C VAL A 463 12.76 -12.71 0.29
N PRO A 464 13.78 -12.79 1.15
CA PRO A 464 14.25 -11.58 1.85
C PRO A 464 14.79 -10.50 0.93
N ASP A 465 15.39 -10.85 -0.20
CA ASP A 465 16.03 -9.87 -1.07
C ASP A 465 15.06 -9.27 -2.09
N ALA A 466 13.76 -9.34 -1.84
CA ALA A 466 12.78 -8.73 -2.73
C ALA A 466 12.35 -7.34 -2.28
N LEU A 467 12.87 -6.84 -1.16
CA LEU A 467 12.46 -5.57 -0.61
C LEU A 467 13.66 -4.84 -0.04
N GLY A 468 13.79 -3.56 -0.34
CA GLY A 468 14.89 -2.76 0.16
C GLY A 468 14.41 -1.39 0.60
N ILE A 469 15.08 -0.85 1.62
CA ILE A 469 14.69 0.41 2.23
C ILE A 469 15.92 1.33 2.29
N LEU A 470 15.74 2.58 1.88
CA LEU A 470 16.70 3.64 2.14
C LEU A 470 16.21 4.40 3.37
N GLU A 471 16.94 4.29 4.47
CA GLU A 471 16.34 4.51 5.79
C GLU A 471 16.14 5.99 6.12
N ASP A 472 17.21 6.76 6.21
CA ASP A 472 17.15 8.12 6.73
C ASP A 472 17.47 9.11 5.61
N VAL A 473 16.44 9.52 4.89
CA VAL A 473 16.58 10.48 3.81
C VAL A 473 16.23 11.86 4.36
N GLU A 474 17.20 12.77 4.33
CA GLU A 474 17.04 14.11 4.91
C GLU A 474 16.41 15.02 3.87
N ILE A 475 15.08 15.10 3.87
CA ILE A 475 14.35 16.03 3.04
C ILE A 475 14.31 17.38 3.76
N GLY A 476 13.90 18.43 3.05
CA GLY A 476 13.75 19.73 3.64
C GLY A 476 14.97 20.62 3.58
N HIS A 477 16.04 20.20 2.92
CA HIS A 477 17.21 21.05 2.74
C HIS A 477 18.03 20.60 1.55
#